data_2QPY
#
_entry.id   2QPY
#
_cell.length_a   53.790
_cell.length_b   66.680
_cell.length_c   72.080
_cell.angle_alpha   90.00
_cell.angle_beta   90.00
_cell.angle_gamma   90.00
#
_symmetry.space_group_name_H-M   'P 21 21 21'
#
loop_
_entity.id
_entity.type
_entity.pdbx_description
1 polymer 'Androgen receptor'
2 polymer 'Coactivator peptide'
3 non-polymer 5-ALPHA-DIHYDROTESTOSTERONE
4 non-polymer '[4-(4-HYDROXY-3-IODO-PHENOXY)-3,5-DIIODO-PHENYL]-ACETIC ACID'
5 water water
#
loop_
_entity_poly.entity_id
_entity_poly.type
_entity_poly.pdbx_seq_one_letter_code
_entity_poly.pdbx_strand_id
1 'polypeptide(L)'
;CQPIFLNVLEAIEPGVVCAGHDNNQPDSFAALLSSLNELGERQLVHVVKWAKALPGFRNLHVDDQMAVIQYSWMGLMVFA
MGWRSFTNVNSRMLYFAPDLVFNEYRMHKSRMYSQCVRMRHLSQEFGWLQITPQEFLCMKALLLFSIIPVDGLKNQKFFD
ELRMNYIKELDRIIACKRKNPTSCSRRFYQLTKLLDSVQPIARELHQFTFDLLIKSHMVSVDFPEMMAEIISVQVPKILS
GKVKPIYFHTQ
;
A
2 'polypeptide(L)' LLRYLLDKDD B
#
# COMPACT_ATOMS: atom_id res chain seq x y z
N PRO A 3 -9.14 0.98 22.62
CA PRO A 3 -7.88 1.21 23.40
C PRO A 3 -6.85 0.11 23.13
N ILE A 4 -7.33 -1.12 23.03
CA ILE A 4 -6.46 -2.26 22.78
C ILE A 4 -6.10 -2.39 21.31
N PHE A 5 -7.05 -2.08 20.45
CA PHE A 5 -6.86 -2.17 19.00
C PHE A 5 -5.65 -1.36 18.54
N LEU A 6 -5.60 -0.09 18.94
CA LEU A 6 -4.52 0.79 18.57
C LEU A 6 -3.15 0.28 19.03
N ASN A 7 -3.13 -0.43 20.16
CA ASN A 7 -1.89 -0.98 20.68
C ASN A 7 -1.34 -2.04 19.76
N VAL A 8 -2.23 -2.79 19.13
CA VAL A 8 -1.86 -3.87 18.21
C VAL A 8 -1.22 -3.33 16.93
N LEU A 9 -1.94 -2.46 16.23
CA LEU A 9 -1.44 -1.88 14.99
C LEU A 9 -0.09 -1.27 15.16
N GLU A 10 0.15 -0.71 16.34
CA GLU A 10 1.42 -0.07 16.66
C GLU A 10 2.51 -1.09 16.95
N ALA A 11 2.11 -2.22 17.54
CA ALA A 11 3.06 -3.28 17.87
C ALA A 11 3.43 -4.12 16.65
N ILE A 12 2.49 -4.27 15.72
CA ILE A 12 2.71 -5.07 14.53
C ILE A 12 3.21 -4.26 13.36
N GLU A 13 3.37 -2.94 13.57
CA GLU A 13 3.85 -2.06 12.50
C GLU A 13 5.25 -2.44 12.04
N PRO A 14 5.40 -2.81 10.76
CA PRO A 14 6.68 -3.21 10.17
C PRO A 14 7.80 -2.22 10.43
N GLY A 15 9.03 -2.68 10.31
CA GLY A 15 10.17 -1.82 10.54
C GLY A 15 10.79 -1.31 9.25
N VAL A 16 11.88 -0.55 9.36
CA VAL A 16 12.57 0.00 8.21
C VAL A 16 13.01 -1.12 7.27
N VAL A 17 12.96 -0.84 5.96
CA VAL A 17 13.35 -1.82 4.96
C VAL A 17 14.22 -1.18 3.89
N CYS A 18 15.37 -1.80 3.62
CA CYS A 18 16.29 -1.28 2.61
C CYS A 18 16.05 -1.97 1.27
N ALA A 19 16.15 -1.20 0.18
CA ALA A 19 15.94 -1.73 -1.15
C ALA A 19 17.20 -2.38 -1.72
N GLY A 20 18.35 -2.02 -1.15
CA GLY A 20 19.61 -2.57 -1.61
C GLY A 20 20.06 -1.95 -2.92
N HIS A 21 19.86 -0.64 -3.04
CA HIS A 21 20.24 0.09 -4.25
C HIS A 21 21.68 0.57 -4.18
N ASP A 22 22.42 0.38 -5.27
CA ASP A 22 23.82 0.81 -5.32
C ASP A 22 23.86 2.32 -5.56
N ASN A 23 23.81 3.08 -4.47
CA ASN A 23 23.83 4.53 -4.56
C ASN A 23 25.14 5.10 -5.08
N ASN A 24 25.94 4.26 -5.74
CA ASN A 24 27.22 4.70 -6.29
C ASN A 24 27.25 4.51 -7.80
N GLN A 25 26.12 4.13 -8.36
CA GLN A 25 26.00 3.92 -9.80
C GLN A 25 25.07 4.96 -10.43
N PRO A 26 25.46 5.51 -11.59
CA PRO A 26 24.66 6.52 -12.30
C PRO A 26 23.20 6.15 -12.41
N ASP A 27 22.33 7.04 -11.93
CA ASP A 27 20.89 6.81 -11.98
C ASP A 27 20.40 6.54 -13.40
N SER A 28 19.81 5.36 -13.58
CA SER A 28 19.29 4.96 -14.88
C SER A 28 17.93 4.29 -14.70
N PHE A 29 17.25 4.04 -15.82
CA PHE A 29 15.93 3.42 -15.77
C PHE A 29 16.02 2.00 -15.21
N ALA A 30 16.92 1.20 -15.77
CA ALA A 30 17.10 -0.18 -15.32
C ALA A 30 17.48 -0.27 -13.86
N ALA A 31 18.51 0.48 -13.46
CA ALA A 31 18.99 0.48 -12.09
C ALA A 31 17.88 0.84 -11.09
N LEU A 32 17.27 2.01 -11.28
CA LEU A 32 16.22 2.48 -10.39
C LEU A 32 15.05 1.52 -10.30
N LEU A 33 14.46 1.18 -11.45
CA LEU A 33 13.32 0.27 -11.49
C LEU A 33 13.64 -1.11 -10.89
N SER A 34 14.77 -1.68 -11.29
CA SER A 34 15.19 -2.97 -10.78
C SER A 34 15.24 -2.95 -9.25
N SER A 35 15.66 -1.81 -8.70
CA SER A 35 15.74 -1.65 -7.26
C SER A 35 14.34 -1.56 -6.66
N LEU A 36 13.49 -0.77 -7.31
CA LEU A 36 12.11 -0.61 -6.85
C LEU A 36 11.41 -1.97 -6.79
N ASN A 37 11.66 -2.81 -7.79
CA ASN A 37 11.06 -4.13 -7.84
C ASN A 37 11.58 -4.98 -6.69
N GLU A 38 12.87 -4.82 -6.38
CA GLU A 38 13.48 -5.56 -5.28
C GLU A 38 12.89 -5.11 -3.96
N LEU A 39 12.80 -3.80 -3.78
CA LEU A 39 12.22 -3.23 -2.56
C LEU A 39 10.79 -3.75 -2.43
N GLY A 40 10.12 -3.91 -3.57
CA GLY A 40 8.77 -4.40 -3.57
C GLY A 40 8.72 -5.83 -3.08
N GLU A 41 9.74 -6.60 -3.42
CA GLU A 41 9.83 -8.00 -3.00
C GLU A 41 10.08 -8.06 -1.50
N ARG A 42 11.02 -7.24 -1.03
CA ARG A 42 11.36 -7.19 0.38
C ARG A 42 10.20 -6.65 1.22
N GLN A 43 9.56 -5.58 0.72
CA GLN A 43 8.43 -4.99 1.41
C GLN A 43 7.24 -5.94 1.45
N LEU A 44 7.12 -6.78 0.43
CA LEU A 44 6.04 -7.74 0.34
C LEU A 44 6.10 -8.78 1.46
N VAL A 45 7.30 -9.25 1.76
CA VAL A 45 7.48 -10.24 2.81
C VAL A 45 7.04 -9.72 4.18
N HIS A 46 7.23 -8.42 4.39
CA HIS A 46 6.84 -7.81 5.67
C HIS A 46 5.34 -7.58 5.75
N VAL A 47 4.73 -7.26 4.60
CA VAL A 47 3.30 -7.04 4.57
C VAL A 47 2.55 -8.34 4.90
N VAL A 48 3.11 -9.47 4.44
CA VAL A 48 2.52 -10.77 4.69
C VAL A 48 2.52 -11.05 6.19
N LYS A 49 3.64 -10.79 6.84
CA LYS A 49 3.76 -11.00 8.28
C LYS A 49 2.84 -10.02 9.00
N TRP A 50 2.92 -8.75 8.60
CA TRP A 50 2.09 -7.70 9.18
C TRP A 50 0.61 -8.08 9.08
N ALA A 51 0.21 -8.52 7.89
CA ALA A 51 -1.18 -8.90 7.64
C ALA A 51 -1.65 -10.02 8.55
N LYS A 52 -0.82 -11.06 8.67
CA LYS A 52 -1.18 -12.20 9.53
C LYS A 52 -1.41 -11.74 10.98
N ALA A 53 -0.56 -10.83 11.45
CA ALA A 53 -0.67 -10.31 12.80
C ALA A 53 -1.96 -9.49 12.96
N LEU A 54 -2.51 -8.98 11.86
CA LEU A 54 -3.71 -8.19 11.90
C LEU A 54 -4.85 -8.98 12.52
N PRO A 55 -5.52 -8.37 13.52
CA PRO A 55 -6.65 -9.01 14.22
C PRO A 55 -7.80 -9.36 13.30
N GLY A 56 -8.18 -10.64 13.28
CA GLY A 56 -9.28 -11.08 12.44
C GLY A 56 -8.83 -11.63 11.10
N PHE A 57 -7.64 -11.20 10.66
CA PHE A 57 -7.11 -11.63 9.38
C PHE A 57 -6.97 -13.17 9.31
N ARG A 58 -6.60 -13.76 10.44
CA ARG A 58 -6.41 -15.21 10.51
C ARG A 58 -7.72 -15.98 10.31
N ASN A 59 -8.84 -15.41 10.75
CA ASN A 59 -10.12 -16.06 10.60
C ASN A 59 -10.71 -15.82 9.22
N LEU A 60 -9.83 -15.57 8.26
CA LEU A 60 -10.24 -15.33 6.87
C LEU A 60 -9.80 -16.52 6.05
N HIS A 61 -10.64 -16.94 5.10
CA HIS A 61 -10.30 -18.08 4.26
C HIS A 61 -8.90 -17.90 3.67
N VAL A 62 -8.04 -18.89 3.91
CA VAL A 62 -6.66 -18.86 3.42
C VAL A 62 -6.56 -18.35 1.97
N ASP A 63 -7.56 -18.67 1.15
CA ASP A 63 -7.57 -18.23 -0.23
C ASP A 63 -7.76 -16.72 -0.35
N ASP A 64 -8.65 -16.19 0.48
CA ASP A 64 -8.90 -14.75 0.46
C ASP A 64 -7.73 -13.99 1.06
N GLN A 65 -7.04 -14.61 2.00
CA GLN A 65 -5.88 -13.99 2.64
C GLN A 65 -4.83 -13.66 1.60
N MET A 66 -4.53 -14.64 0.76
CA MET A 66 -3.53 -14.46 -0.29
C MET A 66 -4.08 -13.59 -1.42
N ALA A 67 -5.40 -13.54 -1.54
CA ALA A 67 -6.05 -12.74 -2.57
C ALA A 67 -5.97 -11.26 -2.22
N VAL A 68 -6.55 -10.88 -1.08
CA VAL A 68 -6.56 -9.50 -0.64
C VAL A 68 -5.15 -8.91 -0.61
N ILE A 69 -4.18 -9.72 -0.22
CA ILE A 69 -2.79 -9.29 -0.17
C ILE A 69 -2.23 -9.02 -1.55
N GLN A 70 -2.61 -9.87 -2.51
CA GLN A 70 -2.14 -9.74 -3.88
C GLN A 70 -2.85 -8.63 -4.66
N TYR A 71 -3.86 -8.02 -4.06
CA TYR A 71 -4.59 -6.96 -4.75
C TYR A 71 -4.35 -5.58 -4.15
N SER A 72 -4.01 -5.53 -2.86
CA SER A 72 -3.79 -4.26 -2.20
C SER A 72 -2.35 -3.97 -1.82
N TRP A 73 -1.46 -4.90 -2.11
CA TRP A 73 -0.06 -4.72 -1.78
C TRP A 73 0.48 -3.40 -2.33
N MET A 74 0.00 -3.03 -3.49
CA MET A 74 0.42 -1.79 -4.14
C MET A 74 -0.05 -0.57 -3.35
N GLY A 75 -1.34 -0.49 -3.10
CA GLY A 75 -1.89 0.63 -2.37
C GLY A 75 -1.31 0.76 -0.97
N LEU A 76 -1.04 -0.37 -0.33
CA LEU A 76 -0.46 -0.37 1.00
C LEU A 76 0.95 0.21 1.01
N MET A 77 1.79 -0.26 0.07
CA MET A 77 3.16 0.20 -0.01
C MET A 77 3.26 1.70 -0.33
N VAL A 78 2.40 2.18 -1.22
CA VAL A 78 2.41 3.58 -1.59
C VAL A 78 2.00 4.45 -0.40
N PHE A 79 0.91 4.07 0.25
CA PHE A 79 0.41 4.80 1.39
C PHE A 79 1.50 4.91 2.48
N ALA A 80 2.21 3.82 2.72
CA ALA A 80 3.25 3.81 3.72
C ALA A 80 4.44 4.67 3.26
N MET A 81 4.75 4.60 1.97
CA MET A 81 5.85 5.36 1.40
C MET A 81 5.58 6.85 1.57
N GLY A 82 4.36 7.28 1.25
CA GLY A 82 3.99 8.66 1.39
C GLY A 82 4.15 9.12 2.84
N TRP A 83 3.73 8.27 3.77
CA TRP A 83 3.83 8.57 5.19
C TRP A 83 5.30 8.74 5.59
N ARG A 84 6.15 7.86 5.10
CA ARG A 84 7.57 7.93 5.40
C ARG A 84 8.16 9.21 4.79
N SER A 85 7.72 9.54 3.57
CA SER A 85 8.19 10.72 2.88
C SER A 85 7.79 11.99 3.61
N PHE A 86 6.68 11.92 4.32
CA PHE A 86 6.17 13.06 5.07
C PHE A 86 6.92 13.30 6.38
N THR A 87 7.28 12.22 7.08
CA THR A 87 7.98 12.33 8.35
C THR A 87 9.50 12.25 8.21
N ASN A 88 9.98 11.96 7.01
CA ASN A 88 11.42 11.85 6.79
C ASN A 88 12.00 13.07 6.06
N VAL A 89 11.40 13.46 4.95
CA VAL A 89 11.89 14.59 4.18
C VAL A 89 10.86 15.71 4.08
N ASN A 90 9.86 15.67 4.96
CA ASN A 90 8.80 16.68 4.96
C ASN A 90 8.10 16.72 3.59
N SER A 91 7.88 15.54 3.02
CA SER A 91 7.22 15.42 1.72
C SER A 91 8.02 16.09 0.61
N ARG A 92 9.26 16.48 0.90
CA ARG A 92 10.11 17.12 -0.07
C ARG A 92 10.34 16.18 -1.26
N MET A 93 10.87 14.99 -0.95
CA MET A 93 11.13 13.98 -1.96
C MET A 93 10.39 12.70 -1.59
N LEU A 94 10.53 11.67 -2.41
CA LEU A 94 9.88 10.39 -2.13
C LEU A 94 10.86 9.46 -1.43
N TYR A 95 10.54 9.13 -0.18
CA TYR A 95 11.39 8.26 0.62
C TYR A 95 10.98 6.79 0.50
N PHE A 96 11.32 6.19 -0.64
CA PHE A 96 10.97 4.79 -0.88
C PHE A 96 11.69 3.90 0.15
N ALA A 97 12.96 4.21 0.39
CA ALA A 97 13.77 3.47 1.34
C ALA A 97 14.97 4.32 1.75
N PRO A 98 15.58 4.01 2.91
CA PRO A 98 16.74 4.75 3.40
C PRO A 98 17.84 4.89 2.36
N ASP A 99 17.98 3.85 1.53
CA ASP A 99 19.01 3.84 0.48
C ASP A 99 18.41 4.03 -0.91
N LEU A 100 17.17 4.53 -0.95
CA LEU A 100 16.49 4.74 -2.23
C LEU A 100 15.57 5.96 -2.15
N VAL A 101 16.17 7.14 -1.98
CA VAL A 101 15.40 8.39 -1.89
C VAL A 101 15.30 9.00 -3.28
N PHE A 102 14.08 9.23 -3.73
CA PHE A 102 13.83 9.79 -5.06
C PHE A 102 13.75 11.31 -5.08
N ASN A 103 14.61 11.93 -5.88
CA ASN A 103 14.62 13.38 -6.03
C ASN A 103 14.05 13.73 -7.40
N GLU A 104 13.80 15.01 -7.63
CA GLU A 104 13.26 15.48 -8.91
C GLU A 104 13.92 14.79 -10.10
N TYR A 105 15.24 14.71 -10.08
CA TYR A 105 15.99 14.09 -11.16
C TYR A 105 15.64 12.62 -11.36
N ARG A 106 15.66 11.88 -10.26
CA ARG A 106 15.35 10.44 -10.31
C ARG A 106 13.90 10.15 -10.74
N MET A 107 12.99 11.10 -10.48
CA MET A 107 11.60 10.93 -10.86
C MET A 107 11.48 10.92 -12.37
N HIS A 108 12.31 11.72 -13.04
CA HIS A 108 12.30 11.81 -14.47
C HIS A 108 13.05 10.62 -15.06
N LYS A 109 14.15 10.25 -14.42
CA LYS A 109 14.97 9.14 -14.87
C LYS A 109 14.23 7.82 -14.75
N SER A 110 13.23 7.79 -13.88
CA SER A 110 12.43 6.57 -13.66
C SER A 110 11.34 6.44 -14.70
N ARG A 111 11.21 7.45 -15.57
CA ARG A 111 10.21 7.45 -16.62
C ARG A 111 8.80 7.36 -16.07
N MET A 112 8.62 7.86 -14.85
CA MET A 112 7.32 7.85 -14.19
C MET A 112 7.21 9.07 -13.29
N TYR A 113 7.60 10.21 -13.84
CA TYR A 113 7.59 11.47 -13.14
C TYR A 113 6.17 11.86 -12.73
N SER A 114 5.23 11.71 -13.67
CA SER A 114 3.84 12.05 -13.41
C SER A 114 3.28 11.26 -12.23
N GLN A 115 3.62 9.97 -12.16
CA GLN A 115 3.15 9.13 -11.06
C GLN A 115 3.75 9.57 -9.75
N CYS A 116 5.06 9.83 -9.75
CA CYS A 116 5.76 10.28 -8.54
C CYS A 116 5.17 11.59 -8.04
N VAL A 117 4.70 12.41 -8.98
CA VAL A 117 4.09 13.68 -8.63
C VAL A 117 2.82 13.47 -7.84
N ARG A 118 2.06 12.46 -8.23
CA ARG A 118 0.80 12.14 -7.55
C ARG A 118 1.05 11.60 -6.15
N MET A 119 2.04 10.71 -6.04
CA MET A 119 2.39 10.13 -4.74
C MET A 119 2.88 11.20 -3.79
N ARG A 120 3.58 12.20 -4.34
CA ARG A 120 4.11 13.29 -3.53
C ARG A 120 2.96 14.11 -2.95
N HIS A 121 1.91 14.30 -3.74
CA HIS A 121 0.73 15.03 -3.28
C HIS A 121 0.14 14.29 -2.09
N LEU A 122 0.08 12.96 -2.21
CA LEU A 122 -0.43 12.12 -1.13
C LEU A 122 0.35 12.38 0.15
N SER A 123 1.67 12.52 0.01
CA SER A 123 2.53 12.77 1.16
C SER A 123 2.15 14.10 1.79
N GLN A 124 2.07 15.13 0.95
CA GLN A 124 1.71 16.46 1.40
C GLN A 124 0.35 16.45 2.09
N GLU A 125 -0.53 15.59 1.61
CA GLU A 125 -1.86 15.47 2.19
C GLU A 125 -1.77 15.12 3.68
N PHE A 126 -0.83 14.25 4.03
CA PHE A 126 -0.64 13.85 5.41
C PHE A 126 -0.38 15.07 6.29
N GLY A 127 0.30 16.06 5.71
CA GLY A 127 0.59 17.27 6.46
C GLY A 127 -0.57 18.23 6.53
N TRP A 128 -1.17 18.53 5.38
CA TRP A 128 -2.31 19.45 5.32
C TRP A 128 -3.44 19.03 6.24
N LEU A 129 -3.71 17.72 6.29
CA LEU A 129 -4.79 17.17 7.11
C LEU A 129 -4.31 16.84 8.51
N GLN A 130 -3.06 17.13 8.81
CA GLN A 130 -2.48 16.85 10.12
C GLN A 130 -2.80 15.44 10.60
N ILE A 131 -2.64 14.46 9.72
CA ILE A 131 -2.92 13.08 10.07
C ILE A 131 -2.01 12.63 11.20
N THR A 132 -2.58 11.95 12.19
CA THR A 132 -1.82 11.47 13.32
C THR A 132 -1.38 10.02 13.10
N PRO A 133 -0.28 9.61 13.75
CA PRO A 133 0.24 8.24 13.62
C PRO A 133 -0.84 7.18 13.86
N GLN A 134 -1.79 7.50 14.74
CA GLN A 134 -2.87 6.57 15.05
C GLN A 134 -3.85 6.50 13.87
N GLU A 135 -4.20 7.66 13.32
CA GLU A 135 -5.13 7.72 12.21
C GLU A 135 -4.51 6.99 11.02
N PHE A 136 -3.20 7.19 10.84
CA PHE A 136 -2.46 6.57 9.75
C PHE A 136 -2.49 5.04 9.86
N LEU A 137 -2.07 4.54 11.01
CA LEU A 137 -2.02 3.11 11.27
C LEU A 137 -3.31 2.40 10.91
N CYS A 138 -4.42 2.95 11.34
CA CYS A 138 -5.73 2.35 11.07
C CYS A 138 -6.08 2.41 9.58
N MET A 139 -5.94 3.58 8.98
CA MET A 139 -6.24 3.75 7.57
C MET A 139 -5.50 2.74 6.71
N LYS A 140 -4.22 2.55 7.01
CA LYS A 140 -3.39 1.60 6.27
C LYS A 140 -3.97 0.20 6.39
N ALA A 141 -4.45 -0.13 7.58
CA ALA A 141 -5.03 -1.44 7.85
C ALA A 141 -6.31 -1.61 7.04
N LEU A 142 -7.08 -0.52 6.93
CA LEU A 142 -8.32 -0.54 6.19
C LEU A 142 -8.06 -0.69 4.69
N LEU A 143 -6.88 -0.30 4.26
CA LEU A 143 -6.48 -0.41 2.87
C LEU A 143 -6.35 -1.87 2.45
N LEU A 144 -6.04 -2.74 3.41
CA LEU A 144 -5.90 -4.16 3.13
C LEU A 144 -7.20 -4.76 2.64
N PHE A 145 -8.32 -4.26 3.16
CA PHE A 145 -9.63 -4.74 2.80
C PHE A 145 -10.34 -3.70 1.92
N SER A 146 -9.61 -3.10 0.99
CA SER A 146 -10.17 -2.09 0.11
C SER A 146 -10.20 -2.46 -1.37
N ILE A 147 -9.96 -3.71 -1.69
CA ILE A 147 -9.96 -4.15 -3.08
C ILE A 147 -10.20 -5.65 -3.20
N ILE A 148 -11.31 -6.02 -3.83
CA ILE A 148 -11.68 -7.42 -4.01
C ILE A 148 -12.30 -7.67 -5.38
N PRO A 149 -12.34 -8.94 -5.81
CA PRO A 149 -12.93 -9.29 -7.11
C PRO A 149 -14.41 -8.96 -7.17
N VAL A 150 -14.89 -8.68 -8.39
CA VAL A 150 -16.30 -8.32 -8.60
C VAL A 150 -17.28 -9.40 -8.13
N ASP A 151 -17.03 -10.65 -8.50
CA ASP A 151 -17.92 -11.73 -8.12
C ASP A 151 -17.90 -11.93 -6.60
N GLY A 152 -16.79 -11.58 -5.97
CA GLY A 152 -16.68 -11.73 -4.54
C GLY A 152 -15.59 -12.69 -4.13
N LEU A 153 -15.37 -12.80 -2.81
CA LEU A 153 -14.35 -13.69 -2.28
C LEU A 153 -14.93 -15.05 -1.92
N LYS A 154 -14.05 -16.01 -1.63
CA LYS A 154 -14.47 -17.36 -1.27
C LYS A 154 -15.45 -17.27 -0.10
N ASN A 155 -15.18 -16.36 0.82
CA ASN A 155 -16.01 -16.15 2.00
C ASN A 155 -16.27 -14.66 2.22
N GLN A 156 -17.03 -14.05 1.32
CA GLN A 156 -17.36 -12.64 1.42
C GLN A 156 -18.01 -12.29 2.74
N LYS A 157 -18.73 -13.25 3.31
CA LYS A 157 -19.42 -13.04 4.58
C LYS A 157 -18.51 -12.49 5.67
N PHE A 158 -17.43 -13.21 5.95
CA PHE A 158 -16.49 -12.81 6.98
C PHE A 158 -15.71 -11.55 6.63
N PHE A 159 -15.42 -11.38 5.35
CA PHE A 159 -14.69 -10.20 4.89
C PHE A 159 -15.44 -8.89 5.18
N ASP A 160 -16.70 -8.85 4.85
CA ASP A 160 -17.52 -7.66 5.08
C ASP A 160 -17.60 -7.34 6.56
N GLU A 161 -17.64 -8.38 7.37
CA GLU A 161 -17.72 -8.24 8.82
C GLU A 161 -16.44 -7.60 9.37
N LEU A 162 -15.31 -8.10 8.91
CA LEU A 162 -14.02 -7.57 9.32
C LEU A 162 -13.86 -6.11 8.86
N ARG A 163 -14.12 -5.85 7.59
CA ARG A 163 -14.02 -4.53 7.04
C ARG A 163 -14.86 -3.57 7.86
N MET A 164 -16.06 -4.00 8.20
CA MET A 164 -16.99 -3.22 9.00
C MET A 164 -16.38 -2.84 10.35
N ASN A 165 -15.66 -3.78 10.95
CA ASN A 165 -15.02 -3.55 12.25
C ASN A 165 -13.88 -2.56 12.15
N TYR A 166 -13.09 -2.64 11.07
CA TYR A 166 -11.98 -1.71 10.89
C TYR A 166 -12.50 -0.31 10.58
N ILE A 167 -13.62 -0.25 9.87
CA ILE A 167 -14.23 1.04 9.54
C ILE A 167 -14.71 1.68 10.84
N LYS A 168 -15.09 0.85 11.78
CA LYS A 168 -15.56 1.31 13.07
C LYS A 168 -14.40 1.72 13.93
N GLU A 169 -13.28 1.03 13.76
CA GLU A 169 -12.06 1.35 14.53
C GLU A 169 -11.54 2.72 14.13
N LEU A 170 -11.65 3.05 12.86
CA LEU A 170 -11.22 4.34 12.35
C LEU A 170 -12.11 5.42 12.97
N ASP A 171 -13.40 5.11 13.07
CA ASP A 171 -14.38 6.03 13.63
C ASP A 171 -14.06 6.29 15.10
N ARG A 172 -13.69 5.23 15.81
CA ARG A 172 -13.36 5.31 17.23
C ARG A 172 -12.12 6.19 17.46
N ILE A 173 -11.07 5.93 16.69
CA ILE A 173 -9.84 6.70 16.81
C ILE A 173 -10.13 8.19 16.67
N ILE A 174 -11.03 8.53 15.75
CA ILE A 174 -11.38 9.92 15.52
C ILE A 174 -12.31 10.42 16.63
N ALA A 175 -13.48 9.80 16.73
CA ALA A 175 -14.48 10.18 17.73
C ALA A 175 -13.89 10.26 19.13
N CYS A 176 -13.06 9.27 19.49
CA CYS A 176 -12.44 9.24 20.82
C CYS A 176 -11.31 10.25 20.97
N LYS A 177 -11.59 11.50 20.59
CA LYS A 177 -10.61 12.58 20.70
C LYS A 177 -11.29 13.93 20.52
N ARG A 178 -12.35 13.95 19.73
CA ARG A 178 -13.11 15.18 19.49
C ARG A 178 -14.19 15.32 20.56
N LYS A 179 -15.12 16.24 20.34
CA LYS A 179 -16.20 16.47 21.30
C LYS A 179 -17.50 16.77 20.56
N ASN A 180 -17.47 17.78 19.70
CA ASN A 180 -18.66 18.15 18.94
C ASN A 180 -18.93 17.18 17.78
N PRO A 181 -20.22 16.89 17.52
CA PRO A 181 -20.62 15.98 16.45
C PRO A 181 -20.47 16.58 15.05
N THR A 182 -19.77 17.71 14.97
CA THR A 182 -19.55 18.37 13.69
C THR A 182 -18.16 18.05 13.14
N SER A 183 -17.14 18.28 13.96
CA SER A 183 -15.76 18.02 13.56
C SER A 183 -15.50 16.52 13.39
N CYS A 184 -16.30 15.70 14.05
CA CYS A 184 -16.15 14.24 13.95
C CYS A 184 -16.53 13.73 12.57
N SER A 185 -17.63 14.25 12.02
CA SER A 185 -18.09 13.86 10.70
C SER A 185 -17.14 14.37 9.64
N ARG A 186 -16.91 15.68 9.65
CA ARG A 186 -16.01 16.30 8.67
C ARG A 186 -14.66 15.59 8.63
N ARG A 187 -14.19 15.16 9.78
CA ARG A 187 -12.91 14.48 9.88
C ARG A 187 -13.00 13.11 9.23
N PHE A 188 -14.06 12.38 9.56
CA PHE A 188 -14.27 11.05 8.97
C PHE A 188 -14.37 11.19 7.46
N TYR A 189 -14.96 12.29 7.03
CA TYR A 189 -15.13 12.60 5.61
C TYR A 189 -13.78 12.77 4.93
N GLN A 190 -12.90 13.53 5.57
CA GLN A 190 -11.58 13.80 5.05
C GLN A 190 -10.71 12.55 4.96
N LEU A 191 -10.75 11.73 6.00
CA LEU A 191 -9.96 10.50 6.03
C LEU A 191 -10.43 9.51 4.99
N THR A 192 -11.75 9.35 4.88
CA THR A 192 -12.32 8.44 3.90
C THR A 192 -11.99 8.91 2.50
N LYS A 193 -11.92 10.22 2.32
CA LYS A 193 -11.57 10.82 1.04
C LYS A 193 -10.12 10.53 0.71
N LEU A 194 -9.27 10.69 1.71
CA LEU A 194 -7.84 10.43 1.56
C LEU A 194 -7.57 8.98 1.18
N LEU A 195 -8.38 8.06 1.71
CA LEU A 195 -8.24 6.65 1.42
C LEU A 195 -8.55 6.32 -0.03
N ASP A 196 -9.62 6.95 -0.55
CA ASP A 196 -10.00 6.70 -1.93
C ASP A 196 -9.02 7.28 -2.94
N SER A 197 -8.35 8.36 -2.55
CA SER A 197 -7.40 9.03 -3.44
C SER A 197 -6.20 8.13 -3.73
N VAL A 198 -6.05 7.07 -2.94
CA VAL A 198 -4.95 6.14 -3.10
C VAL A 198 -5.19 5.18 -4.27
N GLN A 199 -6.44 4.77 -4.45
CA GLN A 199 -6.79 3.86 -5.51
C GLN A 199 -6.32 4.32 -6.90
N PRO A 200 -6.71 5.53 -7.31
CA PRO A 200 -6.29 6.05 -8.62
C PRO A 200 -4.79 5.96 -8.80
N ILE A 201 -4.04 6.34 -7.76
CA ILE A 201 -2.59 6.29 -7.81
C ILE A 201 -2.09 4.86 -7.98
N ALA A 202 -2.73 3.93 -7.29
CA ALA A 202 -2.36 2.52 -7.34
C ALA A 202 -2.63 1.94 -8.72
N ARG A 203 -3.73 2.38 -9.35
CA ARG A 203 -4.08 1.89 -10.68
C ARG A 203 -3.03 2.29 -11.71
N GLU A 204 -2.57 3.54 -11.63
CA GLU A 204 -1.55 4.02 -12.56
C GLU A 204 -0.24 3.27 -12.39
N LEU A 205 0.06 2.85 -11.16
CA LEU A 205 1.27 2.11 -10.90
C LEU A 205 1.10 0.66 -11.34
N HIS A 206 -0.14 0.19 -11.29
CA HIS A 206 -0.45 -1.17 -11.72
C HIS A 206 -0.21 -1.32 -13.22
N GLN A 207 -0.64 -0.31 -13.96
CA GLN A 207 -0.46 -0.31 -15.41
C GLN A 207 1.01 -0.19 -15.80
N PHE A 208 1.72 0.73 -15.14
CA PHE A 208 3.12 0.95 -15.42
C PHE A 208 3.96 -0.30 -15.18
N THR A 209 3.79 -0.90 -14.01
CA THR A 209 4.54 -2.10 -13.68
C THR A 209 4.17 -3.23 -14.65
N PHE A 210 2.92 -3.22 -15.10
CA PHE A 210 2.43 -4.22 -16.04
C PHE A 210 3.23 -4.16 -17.34
N ASP A 211 3.20 -3.00 -17.97
CA ASP A 211 3.93 -2.80 -19.22
C ASP A 211 5.41 -3.10 -19.06
N LEU A 212 5.98 -2.66 -17.94
CA LEU A 212 7.39 -2.89 -17.65
C LEU A 212 7.71 -4.38 -17.66
N LEU A 213 6.83 -5.18 -17.07
CA LEU A 213 7.02 -6.63 -17.01
C LEU A 213 7.02 -7.21 -18.42
N ILE A 214 6.04 -6.83 -19.22
CA ILE A 214 5.91 -7.30 -20.59
C ILE A 214 7.20 -7.12 -21.36
N LYS A 215 7.69 -5.88 -21.41
CA LYS A 215 8.93 -5.56 -22.12
C LYS A 215 10.09 -5.35 -21.17
N SER A 216 10.23 -6.24 -20.19
CA SER A 216 11.30 -6.16 -19.21
C SER A 216 12.57 -6.83 -19.74
N HIS A 217 12.41 -7.65 -20.76
CA HIS A 217 13.54 -8.37 -21.35
C HIS A 217 14.42 -7.42 -22.16
N MET A 218 13.79 -6.46 -22.83
CA MET A 218 14.50 -5.50 -23.67
C MET A 218 14.96 -4.25 -22.93
N VAL A 219 14.26 -3.90 -21.84
CA VAL A 219 14.60 -2.72 -21.07
C VAL A 219 15.62 -3.02 -19.96
N SER A 220 15.98 -4.29 -19.84
CA SER A 220 16.94 -4.73 -18.83
C SER A 220 16.46 -4.43 -17.40
N VAL A 221 15.27 -4.91 -17.07
CA VAL A 221 14.70 -4.71 -15.74
C VAL A 221 14.36 -6.07 -15.12
N ASP A 222 14.99 -6.37 -14.00
CA ASP A 222 14.76 -7.63 -13.31
C ASP A 222 13.54 -7.60 -12.39
N PHE A 223 12.74 -8.67 -12.45
CA PHE A 223 11.56 -8.79 -11.61
C PHE A 223 11.67 -10.03 -10.74
N PRO A 224 11.69 -9.84 -9.41
CA PRO A 224 11.78 -10.98 -8.48
C PRO A 224 10.69 -12.01 -8.76
N GLU A 225 10.80 -13.17 -8.13
CA GLU A 225 9.83 -14.23 -8.33
C GLU A 225 8.40 -13.80 -8.03
N MET A 226 8.11 -13.52 -6.76
CA MET A 226 6.77 -13.12 -6.37
C MET A 226 6.25 -11.92 -7.17
N MET A 227 7.11 -10.92 -7.34
CA MET A 227 6.74 -9.73 -8.08
C MET A 227 6.21 -10.04 -9.49
N ALA A 228 6.98 -10.83 -10.23
CA ALA A 228 6.61 -11.20 -11.58
C ALA A 228 5.37 -12.09 -11.65
N GLU A 229 5.17 -12.91 -10.63
CA GLU A 229 4.02 -13.81 -10.61
C GLU A 229 2.71 -13.08 -10.29
N ILE A 230 2.77 -12.13 -9.35
CA ILE A 230 1.58 -11.37 -8.97
C ILE A 230 1.21 -10.36 -10.06
N ILE A 231 2.22 -9.75 -10.65
CA ILE A 231 1.99 -8.77 -11.70
C ILE A 231 1.46 -9.39 -12.99
N SER A 232 1.74 -10.68 -13.18
CA SER A 232 1.30 -11.38 -14.38
C SER A 232 -0.01 -12.13 -14.20
N VAL A 233 -0.42 -12.34 -12.96
CA VAL A 233 -1.66 -13.06 -12.69
C VAL A 233 -2.70 -12.23 -11.95
N GLN A 234 -2.28 -11.52 -10.91
CA GLN A 234 -3.19 -10.71 -10.12
C GLN A 234 -3.48 -9.34 -10.73
N VAL A 235 -2.41 -8.61 -11.04
CA VAL A 235 -2.55 -7.27 -11.61
C VAL A 235 -3.50 -7.22 -12.82
N PRO A 236 -3.34 -8.15 -13.78
CA PRO A 236 -4.20 -8.18 -14.96
C PRO A 236 -5.68 -8.17 -14.60
N LYS A 237 -6.05 -8.91 -13.56
CA LYS A 237 -7.43 -8.97 -13.12
C LYS A 237 -7.91 -7.60 -12.69
N ILE A 238 -7.00 -6.79 -12.18
CA ILE A 238 -7.34 -5.43 -11.74
C ILE A 238 -7.54 -4.49 -12.92
N LEU A 239 -6.61 -4.55 -13.86
CA LEU A 239 -6.65 -3.71 -15.06
C LEU A 239 -7.72 -4.15 -16.04
N SER A 240 -8.24 -5.37 -15.87
CA SER A 240 -9.25 -5.90 -16.77
C SER A 240 -10.66 -5.64 -16.26
N GLY A 241 -10.79 -5.39 -14.97
CA GLY A 241 -12.11 -5.14 -14.40
C GLY A 241 -12.52 -6.23 -13.44
N LYS A 242 -11.78 -7.35 -13.44
CA LYS A 242 -12.08 -8.47 -12.56
C LYS A 242 -12.05 -8.01 -11.09
N VAL A 243 -10.98 -7.32 -10.71
CA VAL A 243 -10.83 -6.82 -9.38
C VAL A 243 -11.02 -5.31 -9.36
N LYS A 244 -11.97 -4.84 -8.56
CA LYS A 244 -12.25 -3.41 -8.47
C LYS A 244 -12.17 -2.91 -7.03
N PRO A 245 -11.54 -1.76 -6.81
CA PRO A 245 -11.39 -1.17 -5.47
C PRO A 245 -12.74 -0.85 -4.83
N ILE A 246 -12.73 -0.63 -3.52
CA ILE A 246 -13.93 -0.31 -2.79
C ILE A 246 -13.86 1.13 -2.28
N TYR A 247 -14.47 2.05 -3.02
CA TYR A 247 -14.47 3.45 -2.64
C TYR A 247 -15.57 3.78 -1.64
N PHE A 248 -15.30 4.73 -0.75
CA PHE A 248 -16.29 5.15 0.23
C PHE A 248 -17.31 6.05 -0.49
N HIS A 249 -16.80 7.01 -1.26
CA HIS A 249 -17.61 7.96 -1.99
C HIS A 249 -17.66 7.60 -3.46
N THR A 250 -18.76 7.98 -4.11
CA THR A 250 -18.95 7.69 -5.53
C THR A 250 -18.11 8.65 -6.39
N LEU B 1 6.08 -17.74 -4.41
CA LEU B 1 5.67 -18.58 -3.24
C LEU B 1 5.15 -17.74 -2.07
N LEU B 2 4.05 -17.02 -2.32
CA LEU B 2 3.45 -16.17 -1.29
C LEU B 2 2.81 -17.04 -0.22
N ARG B 3 2.23 -18.16 -0.63
CA ARG B 3 1.61 -19.09 0.31
C ARG B 3 2.65 -19.55 1.29
N TYR B 4 3.87 -19.75 0.78
CA TYR B 4 5.00 -20.19 1.61
C TYR B 4 5.21 -19.17 2.74
N LEU B 5 5.04 -17.89 2.43
CA LEU B 5 5.20 -16.83 3.41
C LEU B 5 3.99 -16.78 4.32
N LEU B 6 2.81 -16.99 3.73
CA LEU B 6 1.54 -16.96 4.43
C LEU B 6 1.48 -17.93 5.61
N ASP B 7 2.07 -19.12 5.44
CA ASP B 7 2.02 -20.13 6.51
C ASP B 7 3.34 -20.58 7.14
N LYS B 8 4.33 -19.69 7.23
CA LYS B 8 5.59 -20.04 7.88
C LYS B 8 5.33 -20.35 9.36
N ASP B 9 6.39 -20.68 10.14
CA ASP B 9 6.20 -21.01 11.57
C ASP B 9 7.30 -20.53 12.57
N ASP B 10 6.90 -19.64 13.47
CA ASP B 10 7.76 -19.07 14.53
C ASP B 10 6.88 -18.12 15.34
#